data_5KM3
#
_entry.id   5KM3
#
_cell.length_a   78.133
_cell.length_b   46.305
_cell.length_c   63.862
_cell.angle_alpha   90.000
_cell.angle_beta   94.440
_cell.angle_gamma   90.000
#
_symmetry.space_group_name_H-M   'C 1 2 1'
#
loop_
_entity.id
_entity.type
_entity.pdbx_description
1 polymer 'Histidine triad nucleotide-binding protein 1'
2 non-polymer "URIDINE-5'-MONOPHOSPHATE"
3 non-polymer GLYCEROL
4 water water
#
_entity_poly.entity_id   1
_entity_poly.type   'polypeptide(L)'
_entity_poly.pdbx_seq_one_letter_code
;SNAMADEIAKAQVARPGGDTIFGKIIRKEIPAKIIFEDDRCLAFHDISPQAPTHFLVIPKKHISQISVAEDDDESLLGHL
MIVGKKCAADLGLNKGYRMVVNEGSDGGQSVYHVHLHVLGGRQMHWPPG
;
_entity_poly.pdbx_strand_id   A,B
#
loop_
_chem_comp.id
_chem_comp.type
_chem_comp.name
_chem_comp.formula
GOL non-polymer GLYCEROL 'C3 H8 O3'
U5P non-polymer URIDINE-5'-MONOPHOSPHATE 'C9 H13 N2 O9 P'
#
# COMPACT_ATOMS: atom_id res chain seq x y z
N ARG A 15 18.58 9.98 -19.79
CA ARG A 15 18.44 9.44 -18.45
C ARG A 15 17.04 8.89 -18.20
N PRO A 16 16.83 7.60 -18.49
CA PRO A 16 15.54 6.94 -18.29
C PRO A 16 15.12 6.86 -16.83
N GLY A 17 13.86 7.18 -16.54
CA GLY A 17 13.36 7.10 -15.19
C GLY A 17 13.24 8.45 -14.51
N GLY A 18 13.77 9.49 -15.15
CA GLY A 18 13.61 10.84 -14.64
C GLY A 18 14.62 11.26 -13.60
N ASP A 19 14.51 12.52 -13.18
CA ASP A 19 15.52 13.11 -12.32
C ASP A 19 15.08 13.41 -10.89
N THR A 20 13.96 12.83 -10.45
CA THR A 20 13.72 12.80 -9.01
C THR A 20 14.87 12.04 -8.35
N ILE A 21 15.03 12.24 -7.06
CA ILE A 21 16.05 11.51 -6.33
C ILE A 21 15.91 9.99 -6.54
N PHE A 22 14.68 9.49 -6.66
CA PHE A 22 14.49 8.05 -6.83
C PHE A 22 14.89 7.61 -8.25
N GLY A 23 14.62 8.44 -9.25
CA GLY A 23 15.11 8.17 -10.60
C GLY A 23 16.63 8.06 -10.62
N LYS A 24 17.28 8.94 -9.89
CA LYS A 24 18.74 8.92 -9.83
C LYS A 24 19.29 7.73 -9.04
N ILE A 25 18.62 7.35 -7.96
CA ILE A 25 18.98 6.14 -7.23
C ILE A 25 18.86 4.91 -8.15
N ILE A 26 17.80 4.85 -8.95
CA ILE A 26 17.62 3.73 -9.88
C ILE A 26 18.81 3.61 -10.83
N ARG A 27 19.31 4.73 -11.31
CA ARG A 27 20.45 4.73 -12.24
C ARG A 27 21.82 4.72 -11.54
N LYS A 28 21.83 4.49 -10.23
CA LYS A 28 23.06 4.40 -9.45
C LYS A 28 23.86 5.72 -9.46
N GLU A 29 23.17 6.85 -9.63
CA GLU A 29 23.82 8.16 -9.67
C GLU A 29 23.93 8.75 -8.28
N ILE A 30 23.07 8.28 -7.38
CA ILE A 30 23.10 8.65 -5.97
C ILE A 30 23.07 7.35 -5.18
N PRO A 31 23.93 7.21 -4.17
CA PRO A 31 23.98 5.92 -3.46
C PRO A 31 22.74 5.66 -2.61
N ALA A 32 22.43 4.38 -2.44
CA ALA A 32 21.35 3.97 -1.55
C ALA A 32 21.71 2.62 -0.96
N LYS A 33 21.03 2.26 0.12
CA LYS A 33 21.26 0.99 0.78
C LYS A 33 20.22 0.01 0.26
N ILE A 34 20.61 -0.74 -0.76
CA ILE A 34 19.68 -1.54 -1.54
C ILE A 34 19.49 -2.91 -0.92
N ILE A 35 18.24 -3.33 -0.86
CA ILE A 35 17.84 -4.60 -0.28
C ILE A 35 17.61 -5.64 -1.37
N PHE A 36 16.97 -5.20 -2.44
CA PHE A 36 16.53 -6.09 -3.51
C PHE A 36 16.39 -5.30 -4.79
N GLU A 37 16.70 -5.93 -5.92
CA GLU A 37 16.56 -5.28 -7.21
C GLU A 37 16.16 -6.30 -8.25
N ASP A 38 15.15 -5.99 -9.06
CA ASP A 38 14.91 -6.78 -10.26
C ASP A 38 14.62 -5.84 -11.42
N ASP A 39 14.12 -6.39 -12.51
CA ASP A 39 13.92 -5.59 -13.70
C ASP A 39 12.78 -4.57 -13.56
N ARG A 40 11.89 -4.80 -12.60
N ARG A 40 11.89 -4.79 -12.60
CA ARG A 40 10.72 -3.96 -12.43
CA ARG A 40 10.72 -3.94 -12.46
C ARG A 40 10.82 -2.96 -11.29
C ARG A 40 10.76 -3.00 -11.25
N CYS A 41 11.62 -3.27 -10.29
CA CYS A 41 11.59 -2.48 -9.06
C CYS A 41 12.88 -2.56 -8.27
N LEU A 42 12.92 -1.74 -7.22
CA LEU A 42 14.08 -1.57 -6.38
C LEU A 42 13.58 -1.35 -4.95
N ALA A 43 14.19 -2.06 -4.00
CA ALA A 43 13.89 -1.85 -2.57
C ALA A 43 15.14 -1.35 -1.87
N PHE A 44 14.99 -0.28 -1.09
CA PHE A 44 16.13 0.29 -0.38
C PHE A 44 15.65 0.95 0.92
N HIS A 45 16.57 1.11 1.87
CA HIS A 45 16.23 1.63 3.17
C HIS A 45 15.94 3.11 3.14
N ASP A 46 14.96 3.55 3.90
CA ASP A 46 14.62 4.96 3.98
C ASP A 46 15.69 5.73 4.76
N ILE A 47 16.04 6.90 4.26
CA ILE A 47 17.06 7.74 4.89
C ILE A 47 16.61 8.36 6.22
N SER A 48 15.30 8.41 6.43
N SER A 48 15.30 8.40 6.44
CA SER A 48 14.73 8.95 7.67
CA SER A 48 14.73 8.94 7.66
C SER A 48 13.74 7.94 8.26
C SER A 48 13.74 7.94 8.25
N PRO A 49 14.25 6.85 8.81
CA PRO A 49 13.37 5.75 9.24
C PRO A 49 12.43 6.14 10.36
N GLN A 50 11.18 5.71 10.22
CA GLN A 50 10.13 6.00 11.19
C GLN A 50 9.81 4.78 12.05
N ALA A 51 10.57 3.72 11.82
CA ALA A 51 10.43 2.49 12.60
C ALA A 51 11.79 1.82 12.56
N PRO A 52 12.03 0.84 13.45
CA PRO A 52 13.35 0.20 13.48
C PRO A 52 13.77 -0.36 12.12
N THR A 53 12.82 -0.87 11.34
CA THR A 53 13.05 -1.17 9.93
C THR A 53 12.08 -0.34 9.11
N HIS A 54 12.60 0.36 8.12
CA HIS A 54 11.76 1.20 7.27
C HIS A 54 12.41 1.28 5.90
N PHE A 55 11.79 0.65 4.92
CA PHE A 55 12.34 0.69 3.58
C PHE A 55 11.26 1.04 2.58
N LEU A 56 11.70 1.29 1.34
CA LEU A 56 10.86 1.68 0.24
C LEU A 56 10.96 0.68 -0.88
N VAL A 57 9.85 0.41 -1.56
CA VAL A 57 9.87 -0.35 -2.81
C VAL A 57 9.35 0.54 -3.90
N ILE A 58 10.15 0.72 -4.95
CA ILE A 58 9.80 1.65 -6.00
C ILE A 58 9.87 0.98 -7.36
N PRO A 59 8.98 1.35 -8.30
CA PRO A 59 9.13 0.87 -9.66
C PRO A 59 10.32 1.51 -10.34
N LYS A 60 10.92 0.79 -11.29
CA LYS A 60 11.93 1.41 -12.14
C LYS A 60 11.26 2.32 -13.18
N LYS A 61 10.09 1.93 -13.66
CA LYS A 61 9.27 2.82 -14.48
C LYS A 61 8.87 4.05 -13.69
N HIS A 62 9.07 5.23 -14.25
CA HIS A 62 8.66 6.44 -13.55
C HIS A 62 7.16 6.69 -13.67
N ILE A 63 6.50 6.69 -12.52
CA ILE A 63 5.09 7.06 -12.37
C ILE A 63 5.10 8.09 -11.25
N SER A 64 4.50 9.27 -11.47
CA SER A 64 4.66 10.33 -10.48
C SER A 64 3.93 10.07 -9.16
N GLN A 65 2.75 9.47 -9.25
CA GLN A 65 1.92 9.26 -8.07
C GLN A 65 0.82 8.28 -8.44
N ILE A 66 0.19 7.69 -7.43
CA ILE A 66 -0.74 6.63 -7.68
C ILE A 66 -1.96 7.17 -8.42
N SER A 67 -2.31 8.44 -8.19
CA SER A 67 -3.51 9.00 -8.80
C SER A 67 -3.42 9.07 -10.33
N VAL A 68 -2.23 8.93 -10.89
CA VAL A 68 -2.09 8.93 -12.36
C VAL A 68 -1.62 7.58 -12.92
N ALA A 69 -1.58 6.54 -12.09
CA ALA A 69 -1.20 5.22 -12.58
C ALA A 69 -2.22 4.72 -13.61
N GLU A 70 -1.74 4.01 -14.61
CA GLU A 70 -2.62 3.48 -15.64
C GLU A 70 -3.14 2.11 -15.27
N ASP A 71 -4.26 1.71 -15.87
CA ASP A 71 -4.83 0.40 -15.62
C ASP A 71 -3.81 -0.71 -15.85
N ASP A 72 -2.98 -0.55 -16.87
CA ASP A 72 -2.00 -1.56 -17.21
C ASP A 72 -0.82 -1.60 -16.22
N ASP A 73 -0.80 -0.69 -15.25
CA ASP A 73 0.20 -0.68 -14.20
C ASP A 73 -0.15 -1.61 -13.03
N GLU A 74 -1.27 -2.32 -13.12
CA GLU A 74 -1.72 -3.16 -12.02
C GLU A 74 -0.69 -4.17 -11.58
N SER A 75 -0.14 -4.90 -12.54
N SER A 75 -0.15 -4.91 -12.54
CA SER A 75 0.81 -5.95 -12.20
CA SER A 75 0.82 -5.95 -12.21
C SER A 75 2.04 -5.37 -11.50
C SER A 75 2.05 -5.37 -11.51
N LEU A 76 2.50 -4.22 -11.99
CA LEU A 76 3.66 -3.55 -11.41
C LEU A 76 3.39 -3.11 -9.98
N LEU A 77 2.23 -2.49 -9.74
CA LEU A 77 1.89 -2.06 -8.40
C LEU A 77 1.78 -3.25 -7.46
N GLY A 78 1.13 -4.32 -7.91
CA GLY A 78 1.07 -5.53 -7.11
C GLY A 78 2.46 -6.11 -6.84
N HIS A 79 3.36 -6.00 -7.82
CA HIS A 79 4.71 -6.51 -7.65
C HIS A 79 5.44 -5.76 -6.54
N LEU A 80 5.16 -4.46 -6.40
CA LEU A 80 5.74 -3.70 -5.30
C LEU A 80 5.37 -4.31 -3.96
N MET A 81 4.11 -4.71 -3.82
CA MET A 81 3.65 -5.32 -2.57
C MET A 81 4.21 -6.71 -2.34
N ILE A 82 4.31 -7.50 -3.41
CA ILE A 82 4.88 -8.83 -3.29
C ILE A 82 6.38 -8.73 -2.92
N VAL A 83 7.11 -7.85 -3.59
CA VAL A 83 8.51 -7.63 -3.23
C VAL A 83 8.61 -7.07 -1.80
N GLY A 84 7.72 -6.14 -1.44
CA GLY A 84 7.69 -5.63 -0.08
C GLY A 84 7.55 -6.72 0.97
N LYS A 85 6.62 -7.64 0.75
CA LYS A 85 6.40 -8.66 1.78
C LYS A 85 7.55 -9.67 1.79
N LYS A 86 8.14 -9.95 0.62
CA LYS A 86 9.31 -10.82 0.59
C LYS A 86 10.52 -10.20 1.27
N CYS A 87 10.78 -8.93 1.00
CA CYS A 87 11.86 -8.24 1.69
C CYS A 87 11.64 -8.19 3.21
N ALA A 88 10.40 -7.96 3.63
CA ALA A 88 10.10 -7.91 5.05
C ALA A 88 10.42 -9.23 5.72
N ALA A 89 10.10 -10.33 5.04
CA ALA A 89 10.43 -11.65 5.56
C ALA A 89 11.96 -11.84 5.61
N ASP A 90 12.64 -11.43 4.55
CA ASP A 90 14.10 -11.55 4.48
C ASP A 90 14.77 -10.74 5.58
N LEU A 91 14.13 -9.66 6.00
CA LEU A 91 14.65 -8.81 7.06
C LEU A 91 14.15 -9.22 8.45
N GLY A 92 13.48 -10.36 8.54
CA GLY A 92 13.09 -10.91 9.82
C GLY A 92 11.96 -10.20 10.53
N LEU A 93 11.09 -9.51 9.79
CA LEU A 93 9.95 -8.82 10.41
C LEU A 93 8.81 -9.79 10.68
N ASN A 94 9.08 -10.76 11.55
CA ASN A 94 8.16 -11.87 11.76
C ASN A 94 6.94 -11.53 12.61
N LYS A 95 6.92 -10.35 13.22
CA LYS A 95 5.75 -9.91 13.97
C LYS A 95 4.83 -9.05 13.11
N GLY A 96 5.28 -8.73 11.90
CA GLY A 96 4.44 -7.98 10.98
C GLY A 96 5.01 -6.63 10.62
N TYR A 97 4.21 -5.82 9.92
CA TYR A 97 4.69 -4.57 9.34
C TYR A 97 3.51 -3.83 8.75
N ARG A 98 3.75 -2.59 8.35
CA ARG A 98 2.75 -1.77 7.71
C ARG A 98 3.28 -1.26 6.38
N MET A 99 2.45 -1.35 5.35
CA MET A 99 2.75 -0.82 4.02
C MET A 99 1.97 0.44 3.80
N VAL A 100 2.61 1.47 3.25
CA VAL A 100 2.00 2.78 3.10
C VAL A 100 2.31 3.39 1.73
N VAL A 101 1.28 3.94 1.09
CA VAL A 101 1.51 4.84 -0.04
C VAL A 101 0.97 6.23 0.32
N ASN A 102 1.81 7.24 0.19
CA ASN A 102 1.43 8.63 0.43
C ASN A 102 1.12 9.31 -0.88
N GLU A 103 -0.12 9.74 -1.04
CA GLU A 103 -0.55 10.37 -2.27
C GLU A 103 -0.80 11.87 -2.10
N GLY A 104 -0.05 12.68 -2.84
CA GLY A 104 -0.33 14.10 -2.87
C GLY A 104 -0.15 14.84 -1.56
N SER A 105 -0.71 16.05 -1.50
CA SER A 105 -0.48 16.92 -0.35
C SER A 105 -1.05 16.36 0.96
N ASP A 106 -2.30 15.90 0.93
CA ASP A 106 -2.90 15.34 2.13
C ASP A 106 -2.24 14.04 2.57
N GLY A 107 -1.65 13.32 1.61
CA GLY A 107 -0.86 12.14 1.94
C GLY A 107 0.52 12.48 2.49
N GLY A 108 0.94 13.73 2.31
CA GLY A 108 2.26 14.14 2.73
C GLY A 108 3.37 13.78 1.76
N GLN A 109 2.99 13.43 0.52
CA GLN A 109 3.97 13.01 -0.49
C GLN A 109 5.05 14.07 -0.70
N SER A 110 6.31 13.64 -0.74
CA SER A 110 7.39 14.60 -0.92
C SER A 110 8.30 14.25 -2.10
N VAL A 111 8.20 13.02 -2.61
CA VAL A 111 8.92 12.61 -3.81
C VAL A 111 7.91 12.06 -4.80
N TYR A 112 7.82 12.69 -5.97
CA TYR A 112 6.82 12.32 -6.97
C TYR A 112 7.37 11.30 -7.96
N HIS A 113 7.67 10.15 -7.38
CA HIS A 113 7.97 8.91 -8.06
C HIS A 113 7.36 7.85 -7.15
N VAL A 114 6.37 7.11 -7.64
CA VAL A 114 5.59 6.19 -6.81
C VAL A 114 6.46 5.29 -5.95
N HIS A 115 6.06 5.12 -4.71
CA HIS A 115 6.78 4.22 -3.84
C HIS A 115 5.92 3.71 -2.70
N LEU A 116 6.27 2.51 -2.26
CA LEU A 116 5.60 1.83 -1.16
C LEU A 116 6.53 1.82 0.04
N HIS A 117 6.10 2.40 1.16
CA HIS A 117 6.82 2.29 2.42
C HIS A 117 6.52 0.94 3.04
N VAL A 118 7.52 0.34 3.68
CA VAL A 118 7.30 -0.81 4.54
C VAL A 118 7.98 -0.52 5.88
N LEU A 119 7.22 -0.54 6.95
CA LEU A 119 7.68 -0.19 8.30
C LEU A 119 7.44 -1.34 9.26
N GLY A 120 8.42 -1.66 10.08
CA GLY A 120 8.21 -2.67 11.09
C GLY A 120 9.30 -2.65 12.14
N GLY A 121 9.30 -3.70 12.95
CA GLY A 121 10.24 -3.81 14.05
C GLY A 121 9.78 -3.11 15.31
N ARG A 122 8.55 -2.59 15.30
CA ARG A 122 7.92 -2.04 16.49
C ARG A 122 6.41 -2.16 16.29
N GLN A 123 5.66 -1.98 17.37
CA GLN A 123 4.21 -1.88 17.27
C GLN A 123 3.83 -0.62 16.51
N MET A 124 3.10 -0.77 15.41
CA MET A 124 2.52 0.37 14.72
C MET A 124 1.17 0.70 15.34
N HIS A 125 0.85 1.98 15.33
CA HIS A 125 -0.34 2.48 16.04
C HIS A 125 -1.46 2.86 15.08
N TRP A 126 -2.65 3.06 15.63
CA TRP A 126 -3.81 3.44 14.85
C TRP A 126 -4.33 4.74 15.43
N PRO A 127 -4.71 5.73 14.61
CA PRO A 127 -4.71 5.75 13.16
C PRO A 127 -3.31 5.80 12.56
N PRO A 128 -3.19 5.48 11.27
CA PRO A 128 -1.88 5.47 10.62
C PRO A 128 -1.48 6.87 10.16
N GLY A 129 -1.30 7.75 11.14
CA GLY A 129 -1.13 9.16 10.86
C GLY A 129 -2.47 9.85 10.67
N GLY B 18 -10.28 -19.67 7.94
CA GLY B 18 -11.42 -19.30 8.75
C GLY B 18 -12.10 -18.04 8.25
N ASP B 19 -13.43 -18.07 8.24
CA ASP B 19 -14.23 -16.93 7.77
C ASP B 19 -14.00 -15.69 8.63
N THR B 20 -14.20 -14.52 8.05
CA THR B 20 -14.14 -13.28 8.80
C THR B 20 -15.35 -12.41 8.51
N ILE B 21 -15.46 -11.32 9.25
CA ILE B 21 -16.54 -10.38 9.04
C ILE B 21 -16.49 -9.79 7.61
N PHE B 22 -15.29 -9.68 7.03
CA PHE B 22 -15.21 -9.19 5.65
C PHE B 22 -15.77 -10.23 4.65
N GLY B 23 -15.63 -11.50 4.97
CA GLY B 23 -16.30 -12.55 4.21
C GLY B 23 -17.81 -12.37 4.24
N LYS B 24 -18.36 -12.08 5.42
CA LYS B 24 -19.79 -11.83 5.54
C LYS B 24 -20.23 -10.62 4.71
N ILE B 25 -19.39 -9.59 4.70
CA ILE B 25 -19.69 -8.40 3.93
C ILE B 25 -19.68 -8.71 2.42
N ILE B 26 -18.68 -9.44 1.96
CA ILE B 26 -18.61 -9.85 0.56
C ILE B 26 -19.84 -10.67 0.16
N ARG B 27 -20.30 -11.54 1.05
CA ARG B 27 -21.44 -12.40 0.76
C ARG B 27 -22.78 -11.70 0.97
N LYS B 28 -22.73 -10.43 1.34
CA LYS B 28 -23.89 -9.55 1.56
C LYS B 28 -24.76 -10.03 2.73
N GLU B 29 -24.15 -10.76 3.65
CA GLU B 29 -24.86 -11.26 4.82
C GLU B 29 -25.05 -10.20 5.89
N ILE B 30 -24.15 -9.23 5.95
CA ILE B 30 -24.34 -8.09 6.83
C ILE B 30 -24.11 -6.82 6.03
N PRO B 31 -24.71 -5.70 6.47
CA PRO B 31 -24.61 -4.50 5.64
C PRO B 31 -23.26 -3.79 5.74
N ALA B 32 -22.95 -3.07 4.67
CA ALA B 32 -21.82 -2.16 4.61
C ALA B 32 -22.16 -1.10 3.58
N LYS B 33 -21.55 0.06 3.67
CA LYS B 33 -21.79 1.12 2.70
C LYS B 33 -20.86 0.89 1.53
N ILE B 34 -21.36 0.18 0.52
CA ILE B 34 -20.56 -0.22 -0.64
C ILE B 34 -20.36 0.93 -1.60
N ILE B 35 -19.11 1.12 -2.02
CA ILE B 35 -18.69 2.18 -2.92
C ILE B 35 -18.57 1.67 -4.34
N PHE B 36 -18.00 0.47 -4.47
CA PHE B 36 -17.74 -0.13 -5.77
C PHE B 36 -17.61 -1.63 -5.63
N GLU B 37 -18.00 -2.35 -6.68
CA GLU B 37 -17.82 -3.78 -6.71
C GLU B 37 -17.49 -4.19 -8.14
N ASP B 38 -16.66 -5.22 -8.29
CA ASP B 38 -16.58 -5.89 -9.57
C ASP B 38 -16.51 -7.40 -9.33
N ASP B 39 -16.00 -8.17 -10.29
CA ASP B 39 -15.99 -9.61 -10.14
C ASP B 39 -14.92 -10.12 -9.16
N ARG B 40 -14.01 -9.26 -8.72
CA ARG B 40 -12.87 -9.74 -7.94
C ARG B 40 -12.52 -8.90 -6.70
N CYS B 41 -13.26 -7.83 -6.46
CA CYS B 41 -13.00 -7.02 -5.28
C CYS B 41 -14.23 -6.22 -4.90
N LEU B 42 -14.15 -5.64 -3.71
CA LEU B 42 -15.24 -4.87 -3.14
C LEU B 42 -14.65 -3.69 -2.39
N ALA B 43 -15.21 -2.50 -2.59
CA ALA B 43 -14.80 -1.32 -1.84
C ALA B 43 -15.97 -0.82 -1.01
N PHE B 44 -15.71 -0.51 0.25
CA PHE B 44 -16.78 -0.08 1.15
C PHE B 44 -16.21 0.80 2.26
N HIS B 45 -17.05 1.67 2.81
CA HIS B 45 -16.59 2.56 3.87
C HIS B 45 -16.27 1.78 5.14
N ASP B 46 -15.19 2.16 5.80
CA ASP B 46 -14.79 1.57 7.07
C ASP B 46 -15.79 1.95 8.16
N ILE B 47 -16.19 0.97 8.95
CA ILE B 47 -17.16 1.22 10.02
C ILE B 47 -16.57 2.05 11.15
N SER B 48 -15.24 2.12 11.24
CA SER B 48 -14.57 2.90 12.27
C SER B 48 -13.62 3.88 11.61
N PRO B 49 -14.17 4.90 10.95
CA PRO B 49 -13.33 5.75 10.11
C PRO B 49 -12.34 6.60 10.90
N GLN B 50 -11.14 6.74 10.36
CA GLN B 50 -10.05 7.48 11.01
C GLN B 50 -9.74 8.77 10.28
N ALA B 51 -10.56 9.10 9.30
CA ALA B 51 -10.42 10.32 8.51
C ALA B 51 -11.81 10.63 7.95
N PRO B 52 -12.02 11.86 7.45
CA PRO B 52 -13.36 12.18 6.93
C PRO B 52 -13.79 11.23 5.82
N THR B 53 -12.83 10.75 5.04
CA THR B 53 -13.07 9.64 4.12
C THR B 53 -12.13 8.50 4.49
N HIS B 54 -12.69 7.32 4.74
CA HIS B 54 -11.90 6.16 5.08
C HIS B 54 -12.63 4.93 4.57
N PHE B 55 -12.11 4.32 3.51
CA PHE B 55 -12.73 3.13 2.99
C PHE B 55 -11.71 2.03 2.79
N LEU B 56 -12.21 0.84 2.48
CA LEU B 56 -11.42 -0.36 2.30
C LEU B 56 -11.64 -0.89 0.90
N VAL B 57 -10.59 -1.46 0.31
CA VAL B 57 -10.74 -2.25 -0.91
C VAL B 57 -10.22 -3.64 -0.59
N ILE B 58 -11.03 -4.66 -0.81
CA ILE B 58 -10.66 -6.01 -0.43
C ILE B 58 -10.88 -6.96 -1.61
N PRO B 59 -10.02 -7.97 -1.74
CA PRO B 59 -10.25 -8.97 -2.78
C PRO B 59 -11.37 -9.89 -2.35
N LYS B 60 -12.10 -10.45 -3.31
CA LYS B 60 -13.08 -11.47 -2.99
C LYS B 60 -12.40 -12.79 -2.65
N LYS B 61 -11.23 -13.03 -3.23
CA LYS B 61 -10.40 -14.18 -2.87
C LYS B 61 -9.95 -14.04 -1.41
N HIS B 62 -10.14 -15.07 -0.59
CA HIS B 62 -9.71 -14.95 0.80
C HIS B 62 -8.22 -15.21 0.95
N ILE B 63 -7.45 -14.14 0.78
CA ILE B 63 -6.05 -14.10 1.15
C ILE B 63 -6.04 -13.56 2.58
N SER B 64 -5.51 -14.31 3.53
CA SER B 64 -5.65 -13.91 4.94
C SER B 64 -4.79 -12.71 5.31
N GLN B 65 -3.64 -12.57 4.68
CA GLN B 65 -2.70 -11.50 5.00
C GLN B 65 -1.72 -11.38 3.87
N ILE B 66 -1.14 -10.19 3.72
CA ILE B 66 -0.27 -9.94 2.59
C ILE B 66 0.97 -10.85 2.64
N SER B 67 1.40 -11.26 3.82
CA SER B 67 2.60 -12.09 3.93
C SER B 67 2.43 -13.46 3.26
N VAL B 68 1.19 -13.91 3.04
CA VAL B 68 0.99 -15.21 2.40
C VAL B 68 0.48 -15.08 0.97
N ALA B 69 0.42 -13.85 0.44
CA ALA B 69 0.02 -13.67 -0.95
C ALA B 69 1.00 -14.36 -1.88
N GLU B 70 0.47 -14.91 -2.98
CA GLU B 70 1.29 -15.62 -3.95
C GLU B 70 1.68 -14.71 -5.10
N ASP B 71 2.70 -15.13 -5.86
CA ASP B 71 3.15 -14.34 -7.01
C ASP B 71 2.03 -14.13 -8.02
N ASP B 72 1.21 -15.15 -8.20
CA ASP B 72 0.07 -15.09 -9.12
C ASP B 72 -0.98 -14.05 -8.70
N ASP B 73 -0.90 -13.61 -7.45
CA ASP B 73 -1.84 -12.61 -6.90
C ASP B 73 -1.44 -11.19 -7.24
N GLU B 74 -0.32 -11.03 -7.92
CA GLU B 74 0.24 -9.72 -8.13
C GLU B 74 -0.73 -8.73 -8.78
N SER B 75 -1.34 -9.12 -9.88
CA SER B 75 -2.17 -8.17 -10.58
C SER B 75 -3.46 -7.91 -9.80
N LEU B 76 -3.95 -8.90 -9.06
CA LEU B 76 -5.09 -8.71 -8.18
C LEU B 76 -4.79 -7.65 -7.11
N LEU B 77 -3.62 -7.74 -6.49
CA LEU B 77 -3.22 -6.77 -5.48
C LEU B 77 -3.12 -5.38 -6.08
N GLY B 78 -2.51 -5.29 -7.27
CA GLY B 78 -2.45 -4.02 -7.98
C GLY B 78 -3.84 -3.50 -8.32
N HIS B 79 -4.74 -4.42 -8.66
CA HIS B 79 -6.13 -4.07 -8.94
C HIS B 79 -6.78 -3.38 -7.74
N LEU B 80 -6.46 -3.85 -6.53
CA LEU B 80 -6.99 -3.19 -5.33
C LEU B 80 -6.56 -1.72 -5.28
N MET B 81 -5.30 -1.47 -5.66
CA MET B 81 -4.78 -0.11 -5.64
C MET B 81 -5.39 0.78 -6.73
N ILE B 82 -5.56 0.25 -7.93
CA ILE B 82 -6.18 1.00 -9.01
C ILE B 82 -7.65 1.28 -8.69
N VAL B 83 -8.37 0.29 -8.17
CA VAL B 83 -9.75 0.52 -7.72
C VAL B 83 -9.77 1.56 -6.59
N GLY B 84 -8.82 1.44 -5.65
CA GLY B 84 -8.70 2.41 -4.58
C GLY B 84 -8.52 3.84 -5.08
N LYS B 85 -7.61 4.02 -6.05
CA LYS B 85 -7.36 5.38 -6.51
C LYS B 85 -8.56 5.90 -7.33
N LYS B 86 -9.25 5.03 -8.05
CA LYS B 86 -10.43 5.48 -8.78
C LYS B 86 -11.57 5.86 -7.83
N CYS B 87 -11.77 5.05 -6.79
CA CYS B 87 -12.76 5.37 -5.76
C CYS B 87 -12.41 6.67 -5.05
N ALA B 88 -11.12 6.89 -4.77
CA ALA B 88 -10.71 8.11 -4.10
C ALA B 88 -11.05 9.34 -4.94
N ALA B 89 -10.80 9.26 -6.24
CA ALA B 89 -11.15 10.35 -7.15
C ALA B 89 -12.66 10.60 -7.15
N ASP B 90 -13.42 9.51 -7.22
CA ASP B 90 -14.87 9.60 -7.25
C ASP B 90 -15.44 10.20 -5.97
N LEU B 91 -14.73 9.99 -4.85
CA LEU B 91 -15.16 10.51 -3.56
C LEU B 91 -14.58 11.90 -3.30
N GLY B 92 -13.95 12.47 -4.31
CA GLY B 92 -13.51 13.85 -4.27
C GLY B 92 -12.23 14.12 -3.51
N LEU B 93 -11.36 13.11 -3.40
CA LEU B 93 -10.10 13.28 -2.68
C LEU B 93 -9.01 13.87 -3.58
N ASN B 94 -9.26 15.09 -4.06
CA ASN B 94 -8.37 15.75 -5.02
C ASN B 94 -7.08 16.27 -4.40
N LYS B 95 -7.04 16.37 -3.07
CA LYS B 95 -5.84 16.84 -2.40
C LYS B 95 -4.94 15.69 -1.95
N GLY B 96 -5.36 14.46 -2.25
CA GLY B 96 -4.56 13.30 -1.92
C GLY B 96 -5.14 12.43 -0.82
N TYR B 97 -4.36 11.44 -0.40
CA TYR B 97 -4.84 10.41 0.50
C TYR B 97 -3.67 9.52 0.90
N ARG B 98 -3.93 8.60 1.83
CA ARG B 98 -2.96 7.60 2.23
C ARG B 98 -3.54 6.21 2.04
N MET B 99 -2.77 5.33 1.44
CA MET B 99 -3.13 3.91 1.33
C MET B 99 -2.34 3.10 2.33
N VAL B 100 -2.98 2.14 2.98
CA VAL B 100 -2.31 1.35 4.01
C VAL B 100 -2.70 -0.13 3.92
N VAL B 101 -1.72 -1.01 4.01
CA VAL B 101 -1.97 -2.43 4.23
C VAL B 101 -1.24 -2.82 5.51
N ASN B 102 -2.00 -3.36 6.46
CA ASN B 102 -1.44 -3.84 7.72
C ASN B 102 -1.18 -5.33 7.68
N GLU B 103 -0.04 -5.75 8.22
CA GLU B 103 0.30 -7.16 8.34
C GLU B 103 0.61 -7.52 9.79
N GLY B 104 -0.14 -8.48 10.31
CA GLY B 104 0.20 -9.07 11.58
C GLY B 104 0.01 -8.16 12.78
N SER B 105 0.55 -8.62 13.90
N SER B 105 0.55 -8.58 13.93
CA SER B 105 0.40 -7.94 15.18
CA SER B 105 0.29 -7.85 15.15
C SER B 105 1.03 -6.56 15.16
C SER B 105 1.03 -6.51 15.17
N ASP B 106 2.29 -6.50 14.76
CA ASP B 106 3.03 -5.23 14.74
C ASP B 106 2.42 -4.27 13.72
N GLY B 107 1.89 -4.80 12.63
CA GLY B 107 1.21 -3.97 11.64
C GLY B 107 -0.16 -3.48 12.08
N GLY B 108 -0.67 -4.04 13.17
CA GLY B 108 -2.00 -3.68 13.65
C GLY B 108 -3.12 -4.19 12.78
N GLN B 109 -2.88 -5.30 12.08
CA GLN B 109 -3.91 -5.88 11.22
C GLN B 109 -5.11 -6.32 12.05
N SER B 110 -6.29 -5.80 11.70
CA SER B 110 -7.48 -6.03 12.54
C SER B 110 -8.37 -7.18 12.09
N VAL B 111 -8.30 -7.53 10.80
CA VAL B 111 -9.09 -8.61 10.21
C VAL B 111 -8.17 -9.41 9.31
N TYR B 112 -8.18 -10.74 9.46
CA TYR B 112 -7.29 -11.58 8.65
C TYR B 112 -7.95 -11.95 7.32
N HIS B 113 -8.20 -10.89 6.56
CA HIS B 113 -8.59 -10.92 5.16
C HIS B 113 -7.90 -9.68 4.62
N VAL B 114 -7.00 -9.84 3.65
N VAL B 114 -7.04 -9.85 3.61
CA VAL B 114 -6.17 -8.72 3.26
CA VAL B 114 -6.27 -8.73 3.07
C VAL B 114 -7.05 -7.57 2.74
C VAL B 114 -7.16 -7.54 2.76
N HIS B 115 -6.74 -6.35 3.18
CA HIS B 115 -7.52 -5.16 2.88
C HIS B 115 -6.63 -3.95 2.74
N LEU B 116 -6.97 -3.14 1.75
CA LEU B 116 -6.30 -1.88 1.51
C LEU B 116 -7.12 -0.75 2.11
N HIS B 117 -6.57 -0.03 3.08
CA HIS B 117 -7.18 1.18 3.61
C HIS B 117 -6.91 2.35 2.68
N VAL B 118 -7.90 3.20 2.48
CA VAL B 118 -7.68 4.49 1.81
C VAL B 118 -8.26 5.58 2.69
N LEU B 119 -7.41 6.50 3.13
CA LEU B 119 -7.81 7.57 4.06
C LEU B 119 -7.54 8.94 3.46
N GLY B 120 -8.49 9.85 3.60
CA GLY B 120 -8.26 11.21 3.13
C GLY B 120 -9.29 12.17 3.68
N GLY B 121 -9.28 13.39 3.13
CA GLY B 121 -10.19 14.43 3.59
C GLY B 121 -9.64 15.19 4.78
N ARG B 122 -8.39 14.90 5.14
CA ARG B 122 -7.68 15.65 6.16
C ARG B 122 -6.20 15.47 5.89
N GLN B 123 -5.37 16.31 6.51
CA GLN B 123 -3.93 16.09 6.44
C GLN B 123 -3.57 14.79 7.15
N MET B 124 -2.91 13.89 6.45
CA MET B 124 -2.34 12.69 7.08
C MET B 124 -0.95 13.03 7.60
N HIS B 125 -0.58 12.45 8.73
CA HIS B 125 0.60 12.87 9.46
C HIS B 125 1.72 11.84 9.39
N TRP B 126 2.88 12.20 9.92
CA TRP B 126 4.07 11.35 9.83
C TRP B 126 4.69 11.34 11.21
N PRO B 127 5.01 10.15 11.76
CA PRO B 127 4.95 8.81 11.17
C PRO B 127 3.53 8.30 10.96
N PRO B 128 3.37 7.27 10.12
CA PRO B 128 2.05 6.73 9.83
C PRO B 128 1.64 5.70 10.89
N GLY B 129 1.52 6.15 12.13
CA GLY B 129 1.35 5.25 13.26
C GLY B 129 2.70 4.78 13.76
N1 U5P C . 13.97 9.59 1.17
N1 U5P C . 13.67 9.51 1.03
C2 U5P C . 15.08 8.73 1.03
C2 U5P C . 14.83 8.69 1.04
N3 U5P C . 16.19 9.17 0.44
N3 U5P C . 15.93 9.09 0.40
C4 U5P C . 16.27 10.42 -0.03
C4 U5P C . 15.96 10.25 -0.27
C5 U5P C . 15.19 11.29 0.09
C5 U5P C . 14.84 11.07 -0.29
C6 U5P C . 14.03 10.85 0.71
C6 U5P C . 13.69 10.68 0.38
O2 U5P C . 15.02 7.56 1.47
O2 U5P C . 14.82 7.59 1.65
O4 U5P C . 17.31 10.81 -0.58
O4 U5P C . 17.00 10.60 -0.86
C1' U5P C . 12.76 9.09 1.83
C1' U5P C . 12.46 9.11 1.74
C2' U5P C . 12.14 10.06 2.83
C2' U5P C . 12.04 10.07 2.84
O2' U5P C . 12.82 10.04 4.06
O2' U5P C . 12.77 9.86 4.03
C3' U5P C . 10.70 9.56 2.88
C3' U5P C . 10.53 9.82 2.94
C4' U5P C . 10.48 8.94 1.49
C4' U5P C . 10.15 9.46 1.50
O3' U5P C . 10.54 8.57 3.90
O3' U5P C . 10.25 8.74 3.83
O4' U5P C . 11.78 8.88 0.87
O4' U5P C . 11.39 9.10 0.82
C5' U5P C . 9.51 9.71 0.62
C5' U5P C . 9.49 10.56 0.72
O5' U5P C . 8.18 9.39 1.00
O5' U5P C . 8.30 11.00 1.36
P U5P C . 7.01 10.47 0.91
P U5P C . 6.87 10.50 0.85
O1P U5P C . 7.44 11.59 1.82
O1P U5P C . 5.89 11.11 1.83
O2P U5P C . 6.94 10.83 -0.56
O2P U5P C . 6.71 11.01 -0.56
O3P U5P C . 5.81 9.67 1.37
O3P U5P C . 6.93 8.99 0.94
C1 GOL D . 18.08 6.15 0.40
O1 GOL D . 18.27 7.55 0.52
C2 GOL D . 19.20 5.42 1.16
O2 GOL D . 19.02 4.02 1.13
C3 GOL D . 19.30 5.93 2.59
O3 GOL D . 20.48 5.41 3.18
#